data_4EW4
#
_entry.id   4EW4
#
_cell.length_a   40.12
_cell.length_b   110.30
_cell.length_c   119.71
_cell.angle_alpha   90.00
_cell.angle_beta   90.00
_cell.angle_gamma   90.00
#
_symmetry.space_group_name_H-M   'C 2 2 21'
#
loop_
_entity.id
_entity.type
_entity.pdbx_description
1 polymer 'Methyl-CpG-binding domain protein 4'
2 polymer "DNA (5'-D(*TP*CP*AP*GP*CP*GP*CP*AP*TP*GP*G)-3')"
3 polymer "DNA (5'-D(*CP*CP*AP*TP*GP*(3DR)P*GP*CP*TP*GP*A)-3')"
4 non-polymer 'NICKEL (II) ION'
5 non-polymer 'UNKNOWN ATOM OR ION'
6 water water
#
loop_
_entity_poly.entity_id
_entity_poly.type
_entity_poly.pdbx_seq_one_letter_code
_entity_poly.pdbx_strand_id
1 'polypeptide(L)'
;HMKWTPPRSPFNLVQEILFHDPWKLLIATIFLNRTSGKMAIPVLWEFLEKYPSAEVARAADWRDVSELLKPLGLYDLRAK
TIIKFSDEYLTKQWRYPIELHGIGKYGNDSYRIFCVNEWKQVHPEDHKLNKYHDWLWENHEKLSLS
;
A
2 'polydeoxyribonucleotide' (DT)(DC)(DA)(DG)(DC)(DG)(DC)(DA)(DT)(DG)(DG) B
3 'polydeoxyribonucleotide' (DC)(DC)(DA)(DT)(DG)(3DR)(DG)(DC)(DT)(DG)(DA) C
#
# COMPACT_ATOMS: atom_id res chain seq x y z
N LYS A 3 16.47 -4.10 -12.80
CA LYS A 3 15.65 -3.28 -11.92
C LYS A 3 14.39 -2.80 -12.63
N TRP A 4 13.26 -2.87 -11.95
CA TRP A 4 11.96 -2.54 -12.56
C TRP A 4 11.64 -1.05 -12.53
N THR A 5 11.40 -0.50 -11.34
CA THR A 5 11.10 0.93 -11.17
C THR A 5 9.95 1.44 -12.04
N PRO A 6 8.70 1.13 -11.65
CA PRO A 6 7.49 1.51 -12.39
C PRO A 6 7.41 3.00 -12.70
N PRO A 7 6.97 3.35 -13.92
CA PRO A 7 6.85 4.74 -14.36
C PRO A 7 5.66 5.44 -13.71
N ARG A 8 5.66 6.77 -13.75
CA ARG A 8 4.54 7.55 -13.25
C ARG A 8 3.50 7.76 -14.33
N SER A 9 2.23 7.54 -13.99
CA SER A 9 1.16 7.67 -14.97
C SER A 9 0.44 9.02 -14.78
N PRO A 10 -0.50 9.35 -15.68
CA PRO A 10 -1.31 10.55 -15.45
C PRO A 10 -2.29 10.38 -14.29
N PHE A 11 -2.55 9.14 -13.91
CA PHE A 11 -3.53 8.84 -12.87
C PHE A 11 -2.99 9.23 -11.50
N ASN A 12 -1.67 9.27 -11.38
CA ASN A 12 -0.99 9.63 -10.15
C ASN A 12 -1.49 8.89 -8.92
N LEU A 13 -1.31 7.57 -8.93
CA LEU A 13 -1.66 6.74 -7.78
C LEU A 13 -0.57 6.93 -6.73
N VAL A 14 -0.94 6.79 -5.46
CA VAL A 14 0.01 6.97 -4.38
C VAL A 14 1.10 5.90 -4.43
N GLN A 15 0.78 4.76 -5.04
CA GLN A 15 1.73 3.67 -5.19
C GLN A 15 2.89 4.07 -6.09
N GLU A 16 2.67 5.07 -6.94
CA GLU A 16 3.70 5.52 -7.87
C GLU A 16 4.89 6.12 -7.13
N ILE A 17 4.65 6.78 -6.01
CA ILE A 17 5.74 7.33 -5.21
C ILE A 17 6.15 6.45 -4.04
N LEU A 18 5.39 5.38 -3.80
CA LEU A 18 5.66 4.47 -2.68
C LEU A 18 6.36 3.16 -3.03
N PHE A 19 6.69 2.96 -4.30
CA PHE A 19 7.22 1.68 -4.76
C PHE A 19 8.52 1.25 -4.09
N HIS A 20 9.40 2.22 -3.83
CA HIS A 20 10.71 1.92 -3.26
C HIS A 20 10.65 1.53 -1.78
N ASP A 21 9.48 1.70 -1.18
CA ASP A 21 9.26 1.27 0.20
C ASP A 21 8.01 0.41 0.26
N PRO A 22 8.18 -0.91 0.08
CA PRO A 22 7.09 -1.90 0.04
C PRO A 22 6.16 -1.79 1.24
N TRP A 23 6.73 -1.53 2.42
CA TRP A 23 5.91 -1.38 3.62
C TRP A 23 5.00 -0.17 3.51
N LYS A 24 5.56 0.99 3.19
CA LYS A 24 4.79 2.23 3.03
C LYS A 24 3.69 2.08 1.99
N LEU A 25 3.99 1.40 0.90
CA LEU A 25 3.01 1.16 -0.14
C LEU A 25 1.88 0.27 0.39
N LEU A 26 2.26 -0.77 1.13
CA LEU A 26 1.28 -1.69 1.71
C LEU A 26 0.42 -1.02 2.77
N ILE A 27 1.03 -0.08 3.50
CA ILE A 27 0.27 0.72 4.46
C ILE A 27 -0.77 1.56 3.73
N ALA A 28 -0.38 2.11 2.59
CA ALA A 28 -1.27 2.94 1.79
C ALA A 28 -2.49 2.16 1.31
N THR A 29 -2.28 0.90 0.93
CA THR A 29 -3.35 0.03 0.48
C THR A 29 -4.38 -0.18 1.60
N ILE A 30 -3.88 -0.43 2.80
CA ILE A 30 -4.72 -0.60 3.97
C ILE A 30 -5.56 0.66 4.22
N PHE A 31 -4.92 1.82 4.07
CA PHE A 31 -5.61 3.10 4.21
C PHE A 31 -6.73 3.25 3.18
N LEU A 32 -6.58 2.57 2.05
CA LEU A 32 -7.52 2.72 0.94
C LEU A 32 -8.67 1.71 0.97
N ASN A 33 -8.73 0.88 2.00
CA ASN A 33 -9.83 -0.07 2.11
C ASN A 33 -11.13 0.65 2.43
N ARG A 34 -12.11 0.49 1.53
CA ARG A 34 -13.41 1.14 1.67
C ARG A 34 -13.32 2.63 2.01
N THR A 35 -12.29 3.28 1.48
CA THR A 35 -12.05 4.70 1.76
C THR A 35 -11.53 5.40 0.51
N SER A 36 -12.11 6.56 0.19
CA SER A 36 -11.69 7.35 -0.96
C SER A 36 -10.26 7.86 -0.78
N GLY A 37 -9.53 7.95 -1.89
CA GLY A 37 -8.17 8.45 -1.86
C GLY A 37 -8.08 9.88 -1.39
N LYS A 38 -9.15 10.63 -1.62
CA LYS A 38 -9.23 12.03 -1.18
C LYS A 38 -9.09 12.13 0.32
N MET A 39 -9.76 11.24 1.04
CA MET A 39 -9.73 11.21 2.49
C MET A 39 -8.46 10.56 3.05
N ALA A 40 -8.11 9.40 2.51
CA ALA A 40 -7.07 8.55 3.09
C ALA A 40 -5.65 9.08 2.96
N ILE A 41 -5.30 9.53 1.76
CA ILE A 41 -3.92 9.93 1.46
C ILE A 41 -3.29 10.97 2.41
N PRO A 42 -4.00 12.07 2.72
CA PRO A 42 -3.36 13.04 3.63
C PRO A 42 -3.12 12.46 5.03
N VAL A 43 -4.02 11.60 5.49
CA VAL A 43 -3.88 10.97 6.79
C VAL A 43 -2.69 10.01 6.78
N LEU A 44 -2.46 9.39 5.62
CA LEU A 44 -1.34 8.48 5.43
C LEU A 44 -0.01 9.17 5.72
N TRP A 45 0.12 10.41 5.27
CA TRP A 45 1.35 11.17 5.46
C TRP A 45 1.57 11.53 6.93
N GLU A 46 0.50 11.98 7.58
CA GLU A 46 0.57 12.35 8.99
C GLU A 46 0.90 11.12 9.84
N PHE A 47 0.53 9.96 9.32
CA PHE A 47 0.89 8.68 9.94
C PHE A 47 2.36 8.39 9.68
N LEU A 48 2.78 8.54 8.44
CA LEU A 48 4.14 8.18 8.04
C LEU A 48 5.22 9.04 8.70
N GLU A 49 4.91 10.30 8.95
CA GLU A 49 5.87 11.18 9.61
C GLU A 49 6.06 10.75 11.06
N LYS A 50 4.98 10.28 11.69
CA LYS A 50 5.04 9.82 13.06
C LYS A 50 5.28 8.31 13.14
N TYR A 51 5.19 7.63 12.00
CA TYR A 51 5.46 6.20 11.92
C TYR A 51 6.20 5.84 10.63
N PRO A 52 7.48 6.23 10.53
CA PRO A 52 8.25 6.08 9.29
C PRO A 52 8.58 4.63 8.93
N SER A 53 8.67 3.75 9.93
CA SER A 53 9.15 2.40 9.68
C SER A 53 8.22 1.32 10.22
N ALA A 54 8.44 0.09 9.75
CA ALA A 54 7.69 -1.07 10.23
C ALA A 54 8.11 -1.43 11.65
N GLU A 55 9.30 -0.97 12.05
CA GLU A 55 9.79 -1.20 13.40
C GLU A 55 9.13 -0.22 14.37
N VAL A 56 8.92 1.00 13.91
CA VAL A 56 8.24 2.01 14.71
C VAL A 56 6.77 1.66 14.88
N ALA A 57 6.18 1.14 13.81
CA ALA A 57 4.77 0.75 13.82
C ALA A 57 4.54 -0.61 14.49
N ARG A 58 5.59 -1.44 14.52
CA ARG A 58 5.52 -2.74 15.20
C ARG A 58 5.16 -2.54 16.66
N ALA A 59 6.07 -1.92 17.41
CA ALA A 59 5.77 -1.56 18.79
C ALA A 59 5.26 -0.14 18.81
N ALA A 60 3.96 -0.01 19.04
CA ALA A 60 3.29 1.29 19.09
C ALA A 60 1.98 1.12 19.83
N ASP A 61 1.40 2.22 20.28
CA ASP A 61 0.10 2.15 20.93
C ASP A 61 -0.97 2.16 19.85
N TRP A 62 -1.74 1.08 19.77
CA TRP A 62 -2.76 0.95 18.75
C TRP A 62 -3.91 1.91 18.98
N ARG A 63 -4.04 2.36 20.24
CA ARG A 63 -5.05 3.36 20.56
C ARG A 63 -4.58 4.72 20.08
N ASP A 64 -3.27 4.88 19.96
CA ASP A 64 -2.68 6.16 19.55
C ASP A 64 -2.74 6.38 18.03
N VAL A 65 -2.79 5.30 17.26
CA VAL A 65 -3.07 5.41 15.83
C VAL A 65 -4.57 5.53 15.56
N SER A 66 -5.36 4.88 16.42
CA SER A 66 -6.81 4.81 16.25
C SER A 66 -7.49 6.18 16.09
N GLU A 67 -7.20 7.10 17.00
CA GLU A 67 -7.84 8.42 16.95
C GLU A 67 -7.36 9.24 15.75
N LEU A 68 -6.23 8.83 15.18
CA LEU A 68 -5.71 9.45 13.96
C LEU A 68 -6.49 8.94 12.75
N LEU A 69 -6.98 7.70 12.85
CA LEU A 69 -7.75 7.10 11.77
C LEU A 69 -9.24 7.41 11.90
N LYS A 70 -9.59 8.18 12.94
CA LYS A 70 -10.98 8.55 13.21
C LYS A 70 -11.75 9.17 12.03
N PRO A 71 -11.21 10.22 11.38
CA PRO A 71 -12.01 10.87 10.33
C PRO A 71 -12.25 9.95 9.13
N LEU A 72 -11.38 8.95 8.95
CA LEU A 72 -11.50 8.03 7.84
C LEU A 72 -12.60 7.01 8.07
N GLY A 73 -12.72 6.55 9.32
CA GLY A 73 -13.58 5.44 9.64
C GLY A 73 -12.71 4.19 9.77
N LEU A 74 -13.28 3.14 10.34
CA LEU A 74 -12.55 1.89 10.57
C LEU A 74 -11.28 2.14 11.38
N TYR A 75 -11.38 2.99 12.40
CA TYR A 75 -10.23 3.38 13.19
C TYR A 75 -9.50 2.23 13.89
N ASP A 76 -10.13 1.63 14.89
CA ASP A 76 -9.47 0.60 15.69
C ASP A 76 -9.32 -0.73 14.93
N LEU A 77 -10.17 -0.94 13.94
CA LEU A 77 -10.02 -2.08 13.04
C LEU A 77 -8.65 -2.03 12.37
N ARG A 78 -8.44 -0.99 11.57
CA ARG A 78 -7.16 -0.79 10.89
C ARG A 78 -6.00 -0.65 11.87
N ALA A 79 -6.24 0.04 12.98
CA ALA A 79 -5.20 0.33 13.96
C ALA A 79 -4.52 -0.94 14.46
N LYS A 80 -5.30 -1.87 15.01
CA LYS A 80 -4.76 -3.14 15.49
C LYS A 80 -4.23 -3.97 14.32
N THR A 81 -4.83 -3.78 13.15
CA THR A 81 -4.43 -4.49 11.94
C THR A 81 -3.04 -4.05 11.48
N ILE A 82 -2.82 -2.73 11.48
CA ILE A 82 -1.52 -2.19 11.07
C ILE A 82 -0.41 -2.59 12.03
N ILE A 83 -0.70 -2.52 13.32
CA ILE A 83 0.26 -2.92 14.34
C ILE A 83 0.73 -4.36 14.13
N LYS A 84 -0.22 -5.25 13.89
CA LYS A 84 0.11 -6.65 13.64
C LYS A 84 0.88 -6.80 12.34
N PHE A 85 0.34 -6.20 11.28
CA PHE A 85 0.97 -6.25 9.96
C PHE A 85 2.40 -5.75 9.98
N SER A 86 2.62 -4.60 10.61
CA SER A 86 3.95 -4.03 10.73
C SER A 86 4.85 -4.94 11.55
N ASP A 87 4.27 -5.53 12.59
CA ASP A 87 4.99 -6.51 13.40
C ASP A 87 5.24 -7.76 12.55
N GLU A 88 4.21 -8.21 11.86
CA GLU A 88 4.29 -9.38 10.99
C GLU A 88 5.27 -9.14 9.85
N TYR A 89 5.38 -7.89 9.43
CA TYR A 89 6.31 -7.48 8.37
C TYR A 89 7.75 -7.81 8.75
N LEU A 90 8.24 -7.16 9.81
CA LEU A 90 9.65 -7.27 10.22
C LEU A 90 10.01 -8.63 10.84
N THR A 91 9.00 -9.44 11.14
CA THR A 91 9.24 -10.72 11.79
C THR A 91 9.37 -11.89 10.81
N LYS A 92 8.27 -12.22 10.14
CA LYS A 92 8.18 -13.46 9.37
C LYS A 92 8.95 -13.44 8.05
N GLN A 93 8.93 -14.58 7.37
CA GLN A 93 9.42 -14.70 6.01
C GLN A 93 8.21 -14.86 5.10
N TRP A 94 8.18 -14.10 4.01
CA TRP A 94 6.94 -13.92 3.25
C TRP A 94 7.00 -14.22 1.75
N ARG A 95 7.88 -13.51 1.03
CA ARG A 95 7.76 -13.35 -0.42
C ARG A 95 6.49 -12.56 -0.72
N TYR A 96 5.55 -13.13 -1.45
CA TYR A 96 4.30 -12.42 -1.72
C TYR A 96 3.56 -12.04 -0.44
N PRO A 97 3.17 -10.76 -0.33
CA PRO A 97 2.70 -10.08 0.89
C PRO A 97 1.32 -10.50 1.43
N ILE A 98 0.50 -11.19 0.64
CA ILE A 98 -0.86 -11.55 1.06
C ILE A 98 -0.92 -12.21 2.42
N GLU A 99 0.06 -13.06 2.66
CA GLU A 99 0.18 -13.87 3.87
C GLU A 99 0.26 -13.01 5.13
N LEU A 100 0.68 -11.76 4.96
CA LEU A 100 0.67 -10.80 6.05
C LEU A 100 -0.78 -10.42 6.36
N HIS A 101 -1.08 -10.29 7.65
CA HIS A 101 -2.45 -9.95 8.09
C HIS A 101 -2.82 -8.53 7.70
N GLY A 102 -4.01 -8.38 7.14
CA GLY A 102 -4.48 -7.08 6.69
C GLY A 102 -4.22 -6.88 5.21
N ILE A 103 -3.36 -7.72 4.64
CA ILE A 103 -3.06 -7.65 3.21
C ILE A 103 -3.71 -8.79 2.43
N GLY A 104 -4.68 -8.41 1.61
CA GLY A 104 -5.38 -9.33 0.72
C GLY A 104 -4.91 -9.20 -0.71
N LYS A 105 -5.80 -9.48 -1.65
CA LYS A 105 -5.45 -9.46 -3.08
C LYS A 105 -5.05 -8.09 -3.60
N TYR A 106 -5.83 -7.06 -3.25
CA TYR A 106 -5.55 -5.70 -3.72
C TYR A 106 -4.13 -5.24 -3.40
N GLY A 107 -3.80 -5.16 -2.12
CA GLY A 107 -2.47 -4.78 -1.68
C GLY A 107 -1.37 -5.65 -2.27
N ASN A 108 -1.71 -6.87 -2.63
CA ASN A 108 -0.77 -7.78 -3.28
C ASN A 108 -0.55 -7.42 -4.74
N ASP A 109 -1.64 -7.13 -5.45
CA ASP A 109 -1.56 -6.72 -6.84
C ASP A 109 -0.76 -5.42 -6.96
N SER A 110 -0.88 -4.57 -5.95
CA SER A 110 -0.11 -3.34 -5.90
C SER A 110 1.38 -3.64 -5.77
N TYR A 111 1.70 -4.55 -4.84
CA TYR A 111 3.07 -4.98 -4.62
C TYR A 111 3.67 -5.60 -5.88
N ARG A 112 2.94 -6.55 -6.46
CA ARG A 112 3.42 -7.28 -7.63
C ARG A 112 3.67 -6.37 -8.82
N ILE A 113 2.81 -5.37 -9.00
CA ILE A 113 3.01 -4.40 -10.07
C ILE A 113 4.18 -3.44 -9.76
N PHE A 114 4.10 -2.77 -8.62
CA PHE A 114 5.06 -1.72 -8.28
C PHE A 114 6.40 -2.16 -7.67
N CYS A 115 6.36 -3.08 -6.72
CA CYS A 115 7.56 -3.45 -5.96
C CYS A 115 8.47 -4.47 -6.64
N VAL A 116 7.90 -5.24 -7.56
CA VAL A 116 8.66 -6.21 -8.35
C VAL A 116 8.12 -6.08 -9.76
N ASN A 117 8.75 -6.72 -10.74
CA ASN A 117 8.13 -6.71 -12.04
C ASN A 117 7.46 -8.06 -12.27
N GLU A 118 6.18 -8.12 -11.91
CA GLU A 118 5.23 -9.09 -12.43
C GLU A 118 4.18 -8.43 -13.32
N TRP A 119 4.29 -7.12 -13.51
CA TRP A 119 3.18 -6.28 -14.00
C TRP A 119 2.48 -6.82 -15.23
N LYS A 120 3.22 -7.48 -16.10
CA LYS A 120 2.65 -8.11 -17.29
C LYS A 120 1.71 -9.27 -16.92
N GLN A 121 2.05 -9.98 -15.85
CA GLN A 121 1.29 -11.14 -15.41
C GLN A 121 0.06 -10.77 -14.59
N VAL A 122 0.21 -9.77 -13.73
CA VAL A 122 -0.82 -9.42 -12.74
C VAL A 122 -2.15 -9.01 -13.37
N HIS A 123 -3.24 -9.56 -12.84
CA HIS A 123 -4.57 -9.18 -13.27
C HIS A 123 -5.33 -8.48 -12.13
N PRO A 124 -5.57 -7.17 -12.30
CA PRO A 124 -6.11 -6.28 -11.27
C PRO A 124 -7.62 -6.43 -11.05
N GLU A 125 -8.07 -5.99 -9.88
CA GLU A 125 -9.47 -5.93 -9.52
C GLU A 125 -9.89 -4.47 -9.44
N ASP A 126 -9.24 -3.75 -8.53
CA ASP A 126 -9.50 -2.35 -8.29
C ASP A 126 -9.42 -1.50 -9.55
N HIS A 127 -10.30 -0.50 -9.64
CA HIS A 127 -10.31 0.43 -10.77
C HIS A 127 -8.97 1.12 -11.00
N LYS A 128 -8.53 1.89 -10.01
CA LYS A 128 -7.28 2.65 -10.09
C LYS A 128 -6.10 1.80 -10.59
N LEU A 129 -5.97 0.60 -10.03
CA LEU A 129 -4.93 -0.32 -10.46
C LEU A 129 -5.13 -0.73 -11.92
N ASN A 130 -6.37 -0.97 -12.30
CA ASN A 130 -6.70 -1.43 -13.64
C ASN A 130 -6.44 -0.34 -14.69
N LYS A 131 -6.68 0.92 -14.32
CA LYS A 131 -6.35 2.04 -15.17
C LYS A 131 -4.85 2.08 -15.46
N TYR A 132 -4.06 1.98 -14.39
CA TYR A 132 -2.61 2.01 -14.49
C TYR A 132 -2.09 0.83 -15.29
N HIS A 133 -2.66 -0.34 -15.05
CA HIS A 133 -2.24 -1.57 -15.71
C HIS A 133 -2.56 -1.54 -17.19
N ASP A 134 -3.73 -1.03 -17.55
CA ASP A 134 -4.12 -0.93 -18.95
C ASP A 134 -3.30 0.14 -19.67
N TRP A 135 -2.99 1.21 -18.95
CA TRP A 135 -2.16 2.29 -19.50
C TRP A 135 -0.74 1.81 -19.73
N LEU A 136 -0.31 0.83 -18.94
CA LEU A 136 1.02 0.25 -19.07
C LEU A 136 1.21 -0.44 -20.41
N TRP A 137 0.31 -1.36 -20.75
CA TRP A 137 0.41 -2.14 -21.98
C TRP A 137 0.48 -1.27 -23.24
N GLU A 138 -0.05 -0.06 -23.14
CA GLU A 138 -0.03 0.88 -24.25
C GLU A 138 1.35 1.50 -24.45
N ASN A 139 1.81 2.22 -23.44
CA ASN A 139 3.04 3.01 -23.56
C ASN A 139 4.33 2.28 -23.14
N HIS A 140 4.24 1.00 -22.80
CA HIS A 140 5.40 0.26 -22.32
C HIS A 140 6.51 0.13 -23.37
N GLU A 141 6.12 0.01 -24.63
CA GLU A 141 7.07 -0.10 -25.72
C GLU A 141 7.85 1.20 -25.91
N LYS A 142 7.21 2.31 -25.55
CA LYS A 142 7.83 3.63 -25.66
C LYS A 142 8.81 3.86 -24.51
N LEU A 143 8.82 2.95 -23.55
CA LEU A 143 9.72 3.04 -22.41
C LEU A 143 10.81 1.98 -22.49
N SER A 144 10.43 0.74 -22.22
CA SER A 144 11.36 -0.40 -22.29
C SER A 144 10.60 -1.72 -22.23
#